data_9J3Q
#
_entry.id   9J3Q
#
_cell.length_a   174.974
_cell.length_b   61.603
_cell.length_c   44.796
_cell.angle_alpha   90.000
_cell.angle_beta   90.000
_cell.angle_gamma   90.000
#
_symmetry.space_group_name_H-M   'P 21 21 2'
#
loop_
_entity.id
_entity.type
_entity.pdbx_description
1 polymer 'Pigment epithelium-derived factor'
2 non-polymer 'ZINC ION'
3 non-polymer 2-(2-METHOXYETHOXY)ETHANOL
4 water water
#
_entity_poly.entity_id   1
_entity_poly.type   'polypeptide(L)'
_entity_poly.pdbx_seq_one_letter_code
;NPASPPEEGSPDPDSTGALVEEEDPFFKVPVNKLAAAVSNFGYDLYRVRSSTSPTTNVLLSPLSVATALSALSLGAEQRT
ESIIHRALYYDLISSPDIHGTYKELLDTVTAPQKNLKSASRIVFEKKLRIKSSFVAPLEKSYGTRPRVLTGNPRLDLQEI
NNWVQAQMKGKLARSTKEIPDEISILLLGVAHFKGQWVTKFDSRKTSLEDFYLDEERTVRVPMMSDPKAVLRYGLDSDLS
CKIAQLPLTGSMSIIFFLPLKVTQNLTLIEESLTSEFIHDIDRELKTVQAVLTVPKLKLSYEGEVTKSLQEMKLQSLFDS
PDFSKITGKPIKLTQVEHRAGFEWNEDGAGTTPSPGLQPAHLTFPLDYHLNQPFIFVLRDTDTGALLFIGKILDPRGP
;
_entity_poly.pdbx_strand_id   A
#
# COMPACT_ATOMS: atom_id res chain seq x y z
N SER A 15 7.89 -19.09 18.64
CA SER A 15 6.86 -20.10 18.88
C SER A 15 5.60 -19.81 18.05
N THR A 16 5.78 -19.63 16.75
CA THR A 16 4.69 -19.23 15.86
C THR A 16 4.73 -20.08 14.58
N GLY A 17 3.73 -19.86 13.72
CA GLY A 17 3.55 -20.63 12.51
C GLY A 17 2.48 -21.69 12.58
N ALA A 18 2.11 -22.11 13.80
CA ALA A 18 1.06 -23.10 13.94
C ALA A 18 -0.30 -22.49 13.63
N LEU A 19 -1.25 -23.33 13.25
CA LEU A 19 -2.64 -22.91 13.05
C LEU A 19 -3.35 -22.93 14.40
N VAL A 20 -3.60 -21.74 14.95
CA VAL A 20 -4.28 -21.61 16.23
C VAL A 20 -5.53 -20.75 16.02
N GLU A 21 -6.48 -20.89 16.94
CA GLU A 21 -7.67 -20.05 16.90
C GLU A 21 -7.28 -18.61 17.23
N GLU A 22 -7.92 -17.66 16.54
CA GLU A 22 -7.61 -16.25 16.73
C GLU A 22 -8.22 -15.76 18.04
N GLU A 23 -7.37 -15.29 18.96
CA GLU A 23 -7.80 -14.73 20.24
CA GLU A 23 -7.84 -14.74 20.22
C GLU A 23 -8.02 -13.23 20.19
N ASP A 24 -7.26 -12.52 19.34
CA ASP A 24 -7.34 -11.05 19.22
C ASP A 24 -8.70 -10.67 18.62
N PRO A 25 -9.58 -9.94 19.33
CA PRO A 25 -10.93 -9.68 18.80
C PRO A 25 -10.92 -8.99 17.45
N PHE A 26 -10.02 -8.04 17.26
CA PHE A 26 -10.01 -7.31 15.99
C PHE A 26 -9.72 -8.24 14.82
N PHE A 27 -8.90 -9.25 15.02
CA PHE A 27 -8.52 -10.11 13.90
C PHE A 27 -9.39 -11.36 13.77
N LYS A 28 -10.37 -11.57 14.65
CA LYS A 28 -11.31 -12.66 14.47
C LYS A 28 -12.26 -12.39 13.33
N VAL A 29 -12.52 -11.11 13.03
CA VAL A 29 -13.43 -10.74 11.95
C VAL A 29 -12.79 -11.22 10.65
N PRO A 30 -13.46 -12.06 9.87
CA PRO A 30 -12.83 -12.59 8.65
C PRO A 30 -12.27 -11.54 7.69
N VAL A 31 -13.00 -10.46 7.44
CA VAL A 31 -12.46 -9.48 6.51
C VAL A 31 -11.23 -8.80 7.12
N ASN A 32 -11.17 -8.68 8.45
CA ASN A 32 -9.98 -8.13 9.10
C ASN A 32 -8.83 -9.13 9.06
N LYS A 33 -9.15 -10.41 9.24
CA LYS A 33 -8.12 -11.43 9.14
C LYS A 33 -7.53 -11.46 7.75
N LEU A 34 -8.38 -11.39 6.72
CA LEU A 34 -7.88 -11.32 5.36
C LEU A 34 -7.11 -10.03 5.11
N ALA A 35 -7.63 -8.90 5.59
CA ALA A 35 -6.93 -7.63 5.43
C ALA A 35 -5.54 -7.69 6.03
N ALA A 36 -5.40 -8.35 7.19
CA ALA A 36 -4.11 -8.46 7.85
C ALA A 36 -3.16 -9.32 7.02
N ALA A 37 -3.70 -10.35 6.39
CA ALA A 37 -2.90 -11.25 5.54
C ALA A 37 -2.35 -10.52 4.34
N VAL A 38 -3.23 -9.90 3.53
CA VAL A 38 -2.70 -9.23 2.35
C VAL A 38 -1.92 -7.99 2.75
N SER A 39 -2.22 -7.37 3.89
CA SER A 39 -1.40 -6.25 4.30
C SER A 39 0.00 -6.70 4.69
N ASN A 40 0.12 -7.90 5.26
CA ASN A 40 1.45 -8.42 5.59
C ASN A 40 2.25 -8.74 4.34
N PHE A 41 1.59 -9.19 3.27
CA PHE A 41 2.25 -9.23 1.98
C PHE A 41 2.74 -7.83 1.60
N GLY A 42 1.90 -6.81 1.84
CA GLY A 42 2.29 -5.47 1.45
C GLY A 42 3.48 -4.93 2.24
N TYR A 43 3.55 -5.23 3.53
CA TYR A 43 4.73 -4.83 4.28
C TYR A 43 5.97 -5.60 3.82
N ASP A 44 5.81 -6.87 3.43
CA ASP A 44 6.94 -7.61 2.85
C ASP A 44 7.42 -6.93 1.59
N LEU A 45 6.49 -6.62 0.68
CA LEU A 45 6.88 -5.94 -0.56
C LEU A 45 7.53 -4.60 -0.27
N TYR A 46 6.97 -3.85 0.70
CA TYR A 46 7.57 -2.57 1.07
C TYR A 46 9.01 -2.77 1.51
N ARG A 47 9.26 -3.78 2.34
CA ARG A 47 10.61 -3.97 2.84
C ARG A 47 11.57 -4.25 1.69
N VAL A 48 11.15 -5.07 0.73
CA VAL A 48 12.04 -5.36 -0.38
C VAL A 48 12.29 -4.10 -1.19
N ARG A 49 11.23 -3.36 -1.51
CA ARG A 49 11.41 -2.14 -2.31
C ARG A 49 12.29 -1.14 -1.59
N SER A 50 12.07 -0.96 -0.29
CA SER A 50 12.83 0.03 0.45
C SER A 50 14.31 -0.35 0.49
N SER A 51 14.60 -1.63 0.61
CA SER A 51 15.98 -2.11 0.52
C SER A 51 16.60 -1.80 -0.83
N THR A 52 15.83 -1.99 -1.90
CA THR A 52 16.29 -1.67 -3.26
C THR A 52 16.45 -0.18 -3.49
N SER A 53 15.77 0.66 -2.70
CA SER A 53 15.71 2.10 -2.91
C SER A 53 16.21 2.84 -1.69
N PRO A 54 17.47 2.67 -1.31
CA PRO A 54 17.97 3.33 -0.09
C PRO A 54 18.02 4.84 -0.19
N THR A 55 17.99 5.42 -1.39
CA THR A 55 18.16 6.86 -1.54
C THR A 55 16.98 7.54 -2.20
N THR A 56 15.94 6.81 -2.54
CA THR A 56 14.76 7.35 -3.20
CA THR A 56 14.76 7.39 -3.18
C THR A 56 13.53 7.06 -2.35
N ASN A 57 12.54 7.98 -2.40
CA ASN A 57 11.23 7.71 -1.81
C ASN A 57 10.72 6.37 -2.29
N VAL A 58 10.03 5.66 -1.40
CA VAL A 58 9.24 4.49 -1.76
C VAL A 58 7.78 4.86 -1.55
N LEU A 59 6.97 4.72 -2.59
CA LEU A 59 5.54 4.92 -2.49
C LEU A 59 4.85 3.69 -3.06
N LEU A 60 4.04 3.01 -2.24
CA LEU A 60 3.41 1.76 -2.69
C LEU A 60 1.99 1.68 -2.18
N SER A 61 1.12 1.09 -3.00
CA SER A 61 -0.21 0.69 -2.55
C SER A 61 -0.33 -0.78 -2.88
N PRO A 62 0.25 -1.65 -2.05
CA PRO A 62 0.41 -3.05 -2.43
C PRO A 62 -0.89 -3.84 -2.50
N LEU A 63 -1.99 -3.32 -1.94
CA LEU A 63 -3.24 -4.04 -2.00
C LEU A 63 -3.60 -4.37 -3.43
N SER A 64 -3.36 -3.44 -4.35
CA SER A 64 -3.70 -3.65 -5.76
C SER A 64 -2.86 -4.77 -6.36
N VAL A 65 -1.65 -4.97 -5.84
CA VAL A 65 -0.78 -6.04 -6.30
C VAL A 65 -1.18 -7.36 -5.67
N ALA A 66 -1.40 -7.37 -4.35
CA ALA A 66 -1.91 -8.56 -3.71
C ALA A 66 -3.19 -9.01 -4.38
N THR A 67 -4.05 -8.05 -4.76
CA THR A 67 -5.34 -8.37 -5.34
C THR A 67 -5.18 -9.02 -6.72
N ALA A 68 -4.29 -8.49 -7.56
CA ALA A 68 -3.98 -9.12 -8.84
C ALA A 68 -3.47 -10.55 -8.63
N LEU A 69 -2.61 -10.76 -7.63
CA LEU A 69 -2.10 -12.11 -7.39
C LEU A 69 -3.19 -13.02 -6.85
N SER A 70 -4.00 -12.53 -5.90
CA SER A 70 -5.07 -13.34 -5.37
C SER A 70 -6.05 -13.76 -6.46
N ALA A 71 -6.39 -12.83 -7.34
CA ALA A 71 -7.28 -13.14 -8.47
C ALA A 71 -6.64 -14.15 -9.41
N LEU A 72 -5.36 -13.95 -9.72
CA LEU A 72 -4.67 -14.88 -10.62
C LEU A 72 -4.62 -16.28 -10.05
N SER A 73 -4.51 -16.42 -8.73
CA SER A 73 -4.48 -17.75 -8.14
C SER A 73 -5.77 -18.54 -8.39
N LEU A 74 -6.85 -17.90 -8.84
CA LEU A 74 -8.03 -18.67 -9.24
C LEU A 74 -7.75 -19.56 -10.44
N GLY A 75 -6.75 -19.24 -11.24
CA GLY A 75 -6.45 -19.96 -12.46
C GLY A 75 -5.32 -20.93 -12.28
N ALA A 76 -4.78 -21.03 -11.07
CA ALA A 76 -3.63 -21.86 -10.77
C ALA A 76 -4.07 -23.25 -10.32
N GLU A 77 -3.31 -24.27 -10.73
CA GLU A 77 -3.47 -25.58 -10.13
C GLU A 77 -2.89 -25.56 -8.72
N GLN A 78 -2.96 -26.70 -8.02
CA GLN A 78 -2.87 -26.66 -6.57
C GLN A 78 -1.50 -26.17 -6.10
N ARG A 79 -0.41 -26.66 -6.68
CA ARG A 79 0.91 -26.27 -6.20
C ARG A 79 1.16 -24.79 -6.40
N THR A 80 0.89 -24.28 -7.62
CA THR A 80 1.06 -22.87 -7.92
C THR A 80 0.13 -22.01 -7.06
N GLU A 81 -1.13 -22.42 -6.92
CA GLU A 81 -2.07 -21.72 -6.04
C GLU A 81 -1.51 -21.57 -4.64
N SER A 82 -0.95 -22.65 -4.10
CA SER A 82 -0.40 -22.63 -2.75
C SER A 82 0.79 -21.69 -2.64
N ILE A 83 1.64 -21.67 -3.68
CA ILE A 83 2.76 -20.74 -3.70
CA ILE A 83 2.75 -20.73 -3.73
C ILE A 83 2.25 -19.30 -3.59
N ILE A 84 1.20 -18.96 -4.31
CA ILE A 84 0.63 -17.59 -4.28
C ILE A 84 0.03 -17.37 -2.89
N HIS A 85 -0.71 -18.34 -2.38
CA HIS A 85 -1.42 -18.22 -1.08
C HIS A 85 -0.41 -18.07 0.05
N ARG A 86 0.71 -18.76 0.00
CA ARG A 86 1.75 -18.65 1.03
C ARG A 86 2.25 -17.20 1.05
N ALA A 87 2.44 -16.58 -0.12
CA ALA A 87 2.98 -15.22 -0.14
C ALA A 87 1.96 -14.22 0.38
N LEU A 88 0.67 -14.51 0.23
CA LEU A 88 -0.43 -13.67 0.72
C LEU A 88 -0.84 -13.98 2.15
N TYR A 89 -0.19 -14.94 2.81
CA TYR A 89 -0.46 -15.34 4.19
C TYR A 89 -1.80 -16.03 4.32
N TYR A 90 -2.36 -16.52 3.22
CA TYR A 90 -3.64 -17.23 3.31
C TYR A 90 -3.51 -18.53 4.07
N ASP A 91 -2.32 -19.13 4.05
CA ASP A 91 -2.13 -20.42 4.71
C ASP A 91 -2.18 -20.31 6.22
N LEU A 92 -2.29 -19.10 6.75
CA LEU A 92 -2.48 -18.85 8.17
C LEU A 92 -3.91 -18.47 8.50
N ILE A 93 -4.77 -18.37 7.50
CA ILE A 93 -6.20 -18.18 7.64
C ILE A 93 -6.86 -19.54 7.44
N SER A 94 -7.96 -19.78 8.14
CA SER A 94 -8.77 -20.95 7.89
C SER A 94 -10.13 -20.50 7.39
N SER A 95 -10.13 -20.04 6.14
CA SER A 95 -11.34 -19.52 5.53
C SER A 95 -11.94 -20.54 4.58
N PRO A 96 -13.27 -20.64 4.52
CA PRO A 96 -13.91 -21.43 3.47
C PRO A 96 -14.15 -20.64 2.20
N ASP A 97 -14.02 -19.31 2.26
CA ASP A 97 -14.40 -18.43 1.18
C ASP A 97 -13.44 -17.24 1.15
N ILE A 98 -12.17 -17.52 0.87
CA ILE A 98 -11.18 -16.44 0.81
C ILE A 98 -11.61 -15.38 -0.22
N HIS A 99 -12.07 -15.81 -1.39
CA HIS A 99 -12.39 -14.87 -2.47
C HIS A 99 -13.70 -14.11 -2.21
N GLY A 100 -14.67 -14.73 -1.54
CA GLY A 100 -15.83 -13.96 -1.13
C GLY A 100 -15.48 -12.91 -0.10
N THR A 101 -14.60 -13.26 0.83
CA THR A 101 -14.17 -12.26 1.81
C THR A 101 -13.43 -11.14 1.10
N TYR A 102 -12.67 -11.47 0.07
CA TYR A 102 -11.85 -10.46 -0.65
C TYR A 102 -12.76 -9.40 -1.26
N LYS A 103 -13.88 -9.84 -1.82
CA LYS A 103 -14.82 -8.89 -2.46
C LYS A 103 -15.28 -7.90 -1.37
N GLU A 104 -15.63 -8.42 -0.20
CA GLU A 104 -16.04 -7.53 0.87
C GLU A 104 -14.92 -6.56 1.24
N LEU A 105 -13.69 -7.07 1.37
CA LEU A 105 -12.56 -6.22 1.65
C LEU A 105 -12.47 -5.08 0.63
N LEU A 106 -12.45 -5.46 -0.65
CA LEU A 106 -12.34 -4.47 -1.72
C LEU A 106 -13.50 -3.50 -1.70
N ASP A 107 -14.72 -3.98 -1.44
CA ASP A 107 -15.85 -3.08 -1.38
C ASP A 107 -15.69 -2.08 -0.24
N THR A 108 -15.16 -2.52 0.89
CA THR A 108 -15.04 -1.63 2.04
C THR A 108 -13.98 -0.55 1.82
N VAL A 109 -12.78 -0.94 1.39
CA VAL A 109 -11.69 0.03 1.34
C VAL A 109 -11.75 0.93 0.11
N THR A 110 -12.55 0.61 -0.91
CA THR A 110 -12.68 1.50 -2.07
C THR A 110 -14.02 2.21 -2.09
N ALA A 111 -14.81 2.12 -1.02
CA ALA A 111 -16.04 2.88 -0.94
C ALA A 111 -15.74 4.38 -1.09
N PRO A 112 -16.72 5.18 -1.51
CA PRO A 112 -16.42 6.58 -1.86
C PRO A 112 -15.82 7.38 -0.72
N GLN A 113 -16.23 7.14 0.52
CA GLN A 113 -15.72 7.94 1.62
CA GLN A 113 -15.73 7.90 1.67
C GLN A 113 -14.24 7.69 1.89
N LYS A 114 -13.68 6.59 1.35
CA LYS A 114 -12.29 6.26 1.56
C LYS A 114 -11.35 7.05 0.66
N ASN A 115 -11.88 7.71 -0.37
CA ASN A 115 -11.08 8.54 -1.26
C ASN A 115 -9.94 7.76 -1.89
N LEU A 116 -10.12 6.45 -2.04
CA LEU A 116 -9.08 5.56 -2.50
C LEU A 116 -9.60 4.84 -3.73
N LYS A 117 -8.92 5.03 -4.85
CA LYS A 117 -9.15 4.24 -6.06
C LYS A 117 -8.07 3.16 -6.12
N SER A 118 -8.51 1.92 -6.32
CA SER A 118 -7.58 0.80 -6.40
C SER A 118 -8.14 -0.20 -7.41
N ALA A 119 -7.31 -0.62 -8.36
CA ALA A 119 -7.75 -1.57 -9.36
C ALA A 119 -6.61 -2.50 -9.74
N SER A 120 -6.99 -3.74 -10.07
CA SER A 120 -6.07 -4.80 -10.43
C SER A 120 -6.49 -5.39 -11.75
N ARG A 121 -5.52 -5.72 -12.59
CA ARG A 121 -5.81 -6.28 -13.90
C ARG A 121 -4.90 -7.47 -14.20
N ILE A 122 -5.46 -8.47 -14.89
CA ILE A 122 -4.68 -9.55 -15.46
C ILE A 122 -4.71 -9.40 -16.97
N VAL A 123 -3.53 -9.42 -17.59
CA VAL A 123 -3.34 -9.19 -19.00
C VAL A 123 -2.61 -10.39 -19.58
N PHE A 124 -3.13 -10.95 -20.67
CA PHE A 124 -2.59 -12.18 -21.25
C PHE A 124 -2.01 -11.95 -22.65
N GLU A 125 -1.06 -12.79 -23.02
CA GLU A 125 -0.49 -12.81 -24.37
C GLU A 125 -1.58 -12.94 -25.43
N LYS A 126 -1.27 -12.45 -26.63
CA LYS A 126 -2.25 -12.41 -27.71
C LYS A 126 -2.76 -13.81 -28.03
N LYS A 127 -3.98 -13.87 -28.54
CA LYS A 127 -4.66 -15.07 -29.03
C LYS A 127 -4.89 -16.10 -27.94
N LEU A 128 -4.74 -15.75 -26.66
CA LEU A 128 -4.98 -16.73 -25.62
C LEU A 128 -6.47 -16.99 -25.47
N ARG A 129 -6.85 -18.28 -25.41
CA ARG A 129 -8.22 -18.70 -25.20
C ARG A 129 -8.41 -18.98 -23.72
N ILE A 130 -9.24 -18.18 -23.05
CA ILE A 130 -9.42 -18.20 -21.60
C ILE A 130 -10.68 -18.99 -21.25
N LYS A 131 -10.57 -19.88 -20.26
CA LYS A 131 -11.71 -20.68 -19.83
C LYS A 131 -12.71 -19.85 -19.04
N SER A 132 -13.99 -19.97 -19.42
CA SER A 132 -15.03 -19.23 -18.76
C SER A 132 -15.17 -19.63 -17.29
N SER A 133 -14.68 -20.81 -16.92
CA SER A 133 -14.66 -21.21 -15.52
C SER A 133 -13.58 -20.49 -14.72
N PHE A 134 -12.66 -19.82 -15.40
CA PHE A 134 -11.76 -18.88 -14.75
C PHE A 134 -12.37 -17.49 -14.70
N VAL A 135 -12.90 -17.04 -15.84
CA VAL A 135 -13.45 -15.68 -15.92
C VAL A 135 -14.59 -15.51 -14.92
N ALA A 136 -15.42 -16.54 -14.76
CA ALA A 136 -16.61 -16.39 -13.92
C ALA A 136 -16.28 -16.13 -12.46
N PRO A 137 -15.48 -16.94 -11.76
CA PRO A 137 -15.10 -16.57 -10.39
C PRO A 137 -14.23 -15.33 -10.32
N LEU A 138 -13.44 -15.06 -11.36
CA LEU A 138 -12.62 -13.86 -11.36
C LEU A 138 -13.50 -12.62 -11.31
N GLU A 139 -14.49 -12.57 -12.19
CA GLU A 139 -15.36 -11.41 -12.25
C GLU A 139 -16.25 -11.30 -11.02
N LYS A 140 -16.71 -12.44 -10.48
CA LYS A 140 -17.60 -12.40 -9.33
C LYS A 140 -16.91 -11.79 -8.11
N SER A 141 -15.71 -12.24 -7.81
CA SER A 141 -15.04 -11.80 -6.59
C SER A 141 -14.22 -10.53 -6.77
N TYR A 142 -13.60 -10.34 -7.93
CA TYR A 142 -12.68 -9.23 -8.14
C TYR A 142 -13.22 -8.16 -9.07
N GLY A 143 -14.41 -8.36 -9.65
CA GLY A 143 -15.01 -7.31 -10.46
C GLY A 143 -14.16 -6.91 -11.65
N THR A 144 -13.36 -7.82 -12.16
CA THR A 144 -12.43 -7.50 -13.24
C THR A 144 -12.49 -8.61 -14.26
N ARG A 145 -12.19 -8.25 -15.51
CA ARG A 145 -12.11 -9.27 -16.54
C ARG A 145 -10.72 -9.26 -17.15
N PRO A 146 -10.21 -10.43 -17.55
CA PRO A 146 -8.88 -10.46 -18.14
C PRO A 146 -8.86 -9.77 -19.50
N ARG A 147 -7.72 -9.17 -19.81
CA ARG A 147 -7.50 -8.55 -21.10
C ARG A 147 -6.54 -9.42 -21.90
N VAL A 148 -6.94 -9.76 -23.11
CA VAL A 148 -6.04 -10.45 -24.04
C VAL A 148 -5.45 -9.41 -24.97
N LEU A 149 -4.12 -9.39 -25.04
CA LEU A 149 -3.41 -8.47 -25.91
C LEU A 149 -3.72 -8.76 -27.37
N THR A 150 -3.62 -7.72 -28.21
CA THR A 150 -3.74 -7.88 -29.65
C THR A 150 -2.42 -8.25 -30.31
N GLY A 151 -1.30 -7.90 -29.68
CA GLY A 151 -0.02 -8.04 -30.32
C GLY A 151 0.45 -6.80 -31.05
N ASN A 152 -0.40 -5.77 -31.14
CA ASN A 152 0.00 -4.48 -31.65
C ASN A 152 0.49 -3.62 -30.49
N PRO A 153 1.78 -3.31 -30.40
CA PRO A 153 2.27 -2.61 -29.20
C PRO A 153 1.61 -1.26 -28.97
N ARG A 154 1.31 -0.50 -30.03
CA ARG A 154 0.70 0.81 -29.83
C ARG A 154 -0.71 0.67 -29.26
N LEU A 155 -1.56 -0.15 -29.90
CA LEU A 155 -2.91 -0.36 -29.42
C LEU A 155 -2.92 -0.93 -28.00
N ASP A 156 -2.04 -1.89 -27.73
CA ASP A 156 -2.06 -2.55 -26.42
C ASP A 156 -1.70 -1.58 -25.31
N LEU A 157 -0.66 -0.76 -25.52
CA LEU A 157 -0.28 0.23 -24.52
C LEU A 157 -1.37 1.28 -24.35
N GLN A 158 -2.00 1.69 -25.46
CA GLN A 158 -3.08 2.66 -25.37
C GLN A 158 -4.26 2.08 -24.62
N GLU A 159 -4.55 0.79 -24.82
CA GLU A 159 -5.70 0.21 -24.14
C GLU A 159 -5.44 0.08 -22.64
N ILE A 160 -4.24 -0.33 -22.25
CA ILE A 160 -3.94 -0.44 -20.82
C ILE A 160 -4.01 0.92 -20.17
N ASN A 161 -3.38 1.94 -20.78
CA ASN A 161 -3.46 3.29 -20.21
C ASN A 161 -4.89 3.77 -20.15
N ASN A 162 -5.70 3.45 -21.15
CA ASN A 162 -7.11 3.84 -21.08
C ASN A 162 -7.82 3.15 -19.94
N TRP A 163 -7.45 1.90 -19.64
CA TRP A 163 -8.06 1.21 -18.51
C TRP A 163 -7.65 1.86 -17.19
N VAL A 164 -6.36 2.15 -17.05
CA VAL A 164 -5.88 2.83 -15.84
C VAL A 164 -6.57 4.18 -15.69
N GLN A 165 -6.74 4.91 -16.80
CA GLN A 165 -7.40 6.22 -16.76
C GLN A 165 -8.83 6.11 -16.26
N ALA A 166 -9.57 5.13 -16.76
CA ALA A 166 -10.97 4.98 -16.33
C ALA A 166 -11.08 4.48 -14.90
N GLN A 167 -10.17 3.61 -14.48
CA GLN A 167 -10.21 3.09 -13.12
C GLN A 167 -9.84 4.18 -12.12
N MET A 168 -8.86 5.00 -12.45
CA MET A 168 -8.35 6.02 -11.55
C MET A 168 -9.02 7.37 -11.77
N LYS A 169 -10.03 7.44 -12.63
CA LYS A 169 -10.70 8.71 -12.98
C LYS A 169 -9.66 9.80 -13.27
N GLY A 170 -8.65 9.45 -14.06
CA GLY A 170 -7.65 10.41 -14.49
C GLY A 170 -6.68 10.91 -13.43
N LYS A 171 -6.72 10.36 -12.21
CA LYS A 171 -5.91 10.92 -11.14
C LYS A 171 -4.45 10.48 -11.20
N LEU A 172 -4.11 9.48 -12.01
CA LEU A 172 -2.71 9.13 -12.23
C LEU A 172 -2.26 9.69 -13.58
N ALA A 173 -0.97 9.95 -13.70
CA ALA A 173 -0.40 10.29 -15.00
C ALA A 173 -0.42 9.07 -15.92
N ARG A 174 -0.76 9.29 -17.19
CA ARG A 174 -0.67 8.20 -18.15
C ARG A 174 0.79 7.77 -18.30
N SER A 175 0.99 6.50 -18.59
CA SER A 175 2.32 5.93 -18.70
C SER A 175 2.88 6.19 -20.09
N THR A 176 4.02 6.88 -20.15
CA THR A 176 4.79 6.93 -21.39
C THR A 176 5.76 5.76 -21.50
N LYS A 177 5.61 4.75 -20.65
CA LYS A 177 6.51 3.61 -20.68
C LYS A 177 6.17 2.73 -21.86
N GLU A 178 7.20 2.22 -22.53
CA GLU A 178 6.99 1.20 -23.54
C GLU A 178 6.34 -0.02 -22.93
N ILE A 179 5.53 -0.71 -23.72
CA ILE A 179 4.94 -1.97 -23.28
C ILE A 179 6.02 -3.03 -23.38
N PRO A 180 6.10 -3.97 -22.44
CA PRO A 180 7.10 -5.05 -22.55
C PRO A 180 6.93 -5.83 -23.84
N ASP A 181 8.04 -6.44 -24.29
CA ASP A 181 8.09 -7.12 -25.58
C ASP A 181 7.49 -8.52 -25.54
N GLU A 182 7.68 -9.24 -24.45
CA GLU A 182 7.32 -10.65 -24.33
C GLU A 182 6.45 -10.77 -23.07
N ILE A 183 5.15 -10.74 -23.25
CA ILE A 183 4.19 -10.86 -22.16
C ILE A 183 3.56 -12.23 -22.27
N SER A 184 3.58 -12.99 -21.19
CA SER A 184 2.69 -14.14 -21.08
C SER A 184 1.53 -13.76 -20.17
N ILE A 185 1.80 -13.57 -18.89
CA ILE A 185 0.85 -12.94 -17.96
C ILE A 185 1.49 -11.68 -17.41
N LEU A 186 0.79 -10.56 -17.55
CA LEU A 186 1.15 -9.31 -16.90
C LEU A 186 0.06 -8.95 -15.89
N LEU A 187 0.47 -8.65 -14.67
CA LEU A 187 -0.43 -8.18 -13.63
C LEU A 187 -0.24 -6.69 -13.44
N LEU A 188 -1.33 -5.98 -13.26
CA LEU A 188 -1.28 -4.54 -13.11
C LEU A 188 -2.01 -4.19 -11.82
N GLY A 189 -1.37 -3.40 -10.96
CA GLY A 189 -2.02 -2.93 -9.76
C GLY A 189 -1.82 -1.43 -9.64
N VAL A 190 -2.92 -0.68 -9.64
CA VAL A 190 -2.84 0.76 -9.70
C VAL A 190 -3.70 1.31 -8.59
N ALA A 191 -3.28 2.42 -7.99
CA ALA A 191 -4.05 3.00 -6.89
C ALA A 191 -3.75 4.48 -6.79
N HIS A 192 -4.74 5.24 -6.34
CA HIS A 192 -4.55 6.66 -6.09
C HIS A 192 -5.30 7.01 -4.81
N PHE A 193 -4.68 7.85 -4.00
CA PHE A 193 -5.29 8.32 -2.77
C PHE A 193 -5.09 9.83 -2.64
N LYS A 194 -6.18 10.56 -2.44
CA LYS A 194 -6.14 11.93 -1.96
C LYS A 194 -7.35 12.08 -1.06
N GLY A 195 -7.10 12.32 0.21
CA GLY A 195 -8.18 12.42 1.16
C GLY A 195 -8.23 13.74 1.89
N GLN A 196 -8.93 13.74 3.00
CA GLN A 196 -9.12 14.92 3.81
CA GLN A 196 -9.14 14.92 3.81
C GLN A 196 -8.86 14.57 5.25
N TRP A 197 -8.08 15.40 5.94
CA TRP A 197 -7.89 15.24 7.36
C TRP A 197 -9.22 15.46 8.07
N VAL A 198 -9.39 14.82 9.22
CA VAL A 198 -10.50 15.23 10.07
C VAL A 198 -10.36 16.71 10.44
N THR A 199 -9.16 17.13 10.81
CA THR A 199 -8.89 18.53 11.13
C THR A 199 -8.03 19.13 10.03
N LYS A 200 -8.56 20.15 9.34
CA LYS A 200 -7.78 20.83 8.32
C LYS A 200 -6.58 21.53 8.95
N PHE A 201 -5.51 21.66 8.19
CA PHE A 201 -4.45 22.58 8.54
C PHE A 201 -4.84 23.96 8.03
N ASP A 202 -4.46 24.99 8.79
CA ASP A 202 -4.66 26.37 8.35
C ASP A 202 -3.60 26.68 7.32
N SER A 203 -4.01 26.83 6.06
CA SER A 203 -3.05 27.08 4.98
C SER A 203 -2.31 28.40 5.15
N ARG A 204 -2.85 29.34 5.94
CA ARG A 204 -2.10 30.54 6.26
C ARG A 204 -0.84 30.22 7.03
N LYS A 205 -0.83 29.10 7.76
CA LYS A 205 0.34 28.68 8.53
C LYS A 205 1.28 27.77 7.75
N THR A 206 0.94 27.40 6.53
CA THR A 206 1.89 26.66 5.70
C THR A 206 2.98 27.60 5.23
N SER A 207 4.23 27.14 5.31
CA SER A 207 5.37 27.95 4.89
C SER A 207 6.54 27.05 4.54
N LEU A 208 7.52 27.63 3.84
CA LEU A 208 8.75 26.93 3.53
CA LEU A 208 8.74 26.93 3.53
C LEU A 208 9.57 26.74 4.81
N GLU A 209 9.95 25.50 5.08
CA GLU A 209 10.73 25.18 6.27
C GLU A 209 11.83 24.18 5.89
N ASP A 210 12.84 24.08 6.74
CA ASP A 210 13.93 23.15 6.48
C ASP A 210 13.44 21.71 6.56
N PHE A 211 13.96 20.88 5.65
CA PHE A 211 13.78 19.43 5.71
C PHE A 211 15.17 18.83 5.66
N TYR A 212 15.50 18.01 6.63
CA TYR A 212 16.84 17.48 6.74
C TYR A 212 16.87 16.18 5.96
N LEU A 213 17.33 16.24 4.71
CA LEU A 213 17.43 15.05 3.88
C LEU A 213 18.31 14.01 4.55
N ASP A 214 19.37 14.46 5.21
CA ASP A 214 20.30 13.61 5.93
C ASP A 214 21.09 14.53 6.84
N GLU A 215 22.18 14.01 7.40
CA GLU A 215 22.96 14.78 8.35
C GLU A 215 23.68 15.97 7.70
N GLU A 216 23.83 15.96 6.38
CA GLU A 216 24.60 17.03 5.71
C GLU A 216 23.76 17.86 4.75
N ARG A 217 22.59 17.39 4.33
CA ARG A 217 21.84 18.07 3.29
C ARG A 217 20.50 18.56 3.84
N THR A 218 20.23 19.84 3.62
CA THR A 218 18.98 20.47 4.04
C THR A 218 18.37 21.18 2.86
N VAL A 219 17.08 20.98 2.65
CA VAL A 219 16.32 21.61 1.54
C VAL A 219 15.23 22.43 2.21
N ARG A 220 14.50 23.22 1.44
CA ARG A 220 13.33 23.97 1.95
CA ARG A 220 13.32 23.97 1.97
C ARG A 220 12.05 23.40 1.29
N VAL A 221 11.07 23.04 2.11
CA VAL A 221 9.86 22.37 1.56
C VAL A 221 8.58 22.97 2.17
N PRO A 222 7.51 23.13 1.39
CA PRO A 222 6.21 23.50 1.97
C PRO A 222 5.87 22.63 3.15
N MET A 223 5.76 23.25 4.32
CA MET A 223 5.51 22.58 5.59
C MET A 223 4.20 23.08 6.16
N MET A 224 3.25 22.17 6.34
CA MET A 224 2.03 22.50 7.04
C MET A 224 2.29 22.53 8.55
N SER A 225 1.44 23.25 9.27
CA SER A 225 1.68 23.45 10.69
C SER A 225 0.36 23.50 11.44
N ASP A 226 0.28 22.73 12.52
CA ASP A 226 -0.77 22.89 13.53
C ASP A 226 -0.07 22.93 14.87
N PRO A 227 0.16 24.13 15.45
CA PRO A 227 0.90 24.21 16.72
C PRO A 227 0.15 23.59 17.90
N LYS A 228 -1.14 23.29 17.75
CA LYS A 228 -1.97 22.74 18.81
C LYS A 228 -2.71 21.51 18.31
N ALA A 229 -2.01 20.65 17.59
CA ALA A 229 -2.64 19.46 17.02
C ALA A 229 -3.01 18.47 18.11
N VAL A 230 -4.22 17.92 18.04
CA VAL A 230 -4.58 16.76 18.83
C VAL A 230 -4.33 15.54 17.95
N LEU A 231 -3.53 14.61 18.45
CA LEU A 231 -3.22 13.39 17.71
C LEU A 231 -2.97 12.28 18.72
N ARG A 232 -2.71 11.07 18.23
CA ARG A 232 -2.37 9.96 19.10
C ARG A 232 -0.90 9.61 18.89
N TYR A 233 -0.20 9.36 19.99
CA TYR A 233 1.24 9.43 19.97
C TYR A 233 1.79 8.37 20.90
N GLY A 234 3.02 7.95 20.58
CA GLY A 234 3.74 7.01 21.42
C GLY A 234 5.20 6.99 21.00
N LEU A 235 6.11 6.94 21.96
CA LEU A 235 7.55 6.79 21.61
C LEU A 235 7.92 5.32 21.70
N ASP A 236 8.48 4.77 20.62
CA ASP A 236 8.97 3.38 20.67
C ASP A 236 10.49 3.45 20.89
N SER A 237 10.91 3.27 22.13
CA SER A 237 12.33 3.35 22.45
C SER A 237 13.12 2.29 21.69
N ASP A 238 12.59 1.06 21.61
CA ASP A 238 13.35 0.00 20.95
C ASP A 238 13.66 0.34 19.51
N LEU A 239 12.80 1.12 18.85
CA LEU A 239 12.98 1.50 17.46
C LEU A 239 13.51 2.92 17.29
N SER A 240 13.80 3.62 18.39
CA SER A 240 14.18 5.04 18.37
C SER A 240 13.31 5.84 17.41
N CYS A 241 12.02 5.87 17.70
CA CYS A 241 11.13 6.57 16.80
CA CYS A 241 11.04 6.38 16.76
C CYS A 241 9.88 7.02 17.54
N LYS A 242 9.39 8.15 17.06
CA LYS A 242 8.19 8.78 17.56
C LYS A 242 7.07 8.43 16.60
N ILE A 243 6.00 7.86 17.12
CA ILE A 243 4.87 7.41 16.32
C ILE A 243 3.70 8.34 16.59
N ALA A 244 3.12 8.87 15.52
CA ALA A 244 1.91 9.68 15.63
C ALA A 244 0.89 9.19 14.62
N GLN A 245 -0.37 9.36 14.98
CA GLN A 245 -1.47 8.98 14.12
C GLN A 245 -2.40 10.16 13.96
N LEU A 246 -2.71 10.48 12.71
CA LEU A 246 -3.57 11.60 12.34
C LEU A 246 -4.79 11.05 11.62
N PRO A 247 -6.00 11.33 12.09
CA PRO A 247 -7.19 10.73 11.47
C PRO A 247 -7.59 11.45 10.19
N LEU A 248 -8.14 10.68 9.26
CA LEU A 248 -8.72 11.16 8.02
C LEU A 248 -10.23 10.96 8.04
N THR A 249 -10.94 11.76 7.25
CA THR A 249 -12.36 11.49 7.06
C THR A 249 -12.53 10.10 6.44
N GLY A 250 -13.68 9.49 6.69
CA GLY A 250 -13.94 8.19 6.10
C GLY A 250 -13.31 7.03 6.84
N SER A 251 -13.02 7.18 8.13
CA SER A 251 -12.54 6.12 9.00
C SER A 251 -11.24 5.51 8.47
N MET A 252 -10.25 6.38 8.34
CA MET A 252 -8.89 6.00 7.99
C MET A 252 -7.96 6.81 8.87
N SER A 253 -6.71 6.39 8.93
CA SER A 253 -5.71 7.22 9.59
C SER A 253 -4.39 7.06 8.87
N ILE A 254 -3.49 8.00 9.13
CA ILE A 254 -2.09 7.87 8.74
C ILE A 254 -1.29 7.75 10.03
N ILE A 255 -0.52 6.66 10.13
CA ILE A 255 0.44 6.50 11.21
C ILE A 255 1.81 6.88 10.67
N PHE A 256 2.51 7.75 11.40
CA PHE A 256 3.83 8.24 11.04
C PHE A 256 4.86 7.58 11.93
N PHE A 257 6.00 7.25 11.35
CA PHE A 257 7.16 6.76 12.10
C PHE A 257 8.29 7.75 11.91
N LEU A 258 8.61 8.47 12.98
CA LEU A 258 9.58 9.56 12.93
C LEU A 258 10.82 9.18 13.73
N PRO A 259 11.96 8.90 13.09
CA PRO A 259 13.16 8.58 13.87
C PRO A 259 13.57 9.73 14.78
N LEU A 260 14.21 9.38 15.90
CA LEU A 260 14.67 10.39 16.85
C LEU A 260 15.85 11.19 16.34
N LYS A 261 16.69 10.57 15.52
CA LYS A 261 17.88 11.20 14.96
C LYS A 261 17.73 11.29 13.45
N VAL A 262 18.28 12.35 12.85
CA VAL A 262 18.25 12.49 11.40
C VAL A 262 19.01 11.34 10.77
N THR A 263 18.33 10.61 9.90
CA THR A 263 18.88 9.44 9.24
C THR A 263 17.94 9.03 8.12
N GLN A 264 18.52 8.45 7.08
CA GLN A 264 17.84 7.71 6.03
C GLN A 264 17.77 6.23 6.32
N ASN A 265 18.36 5.77 7.41
CA ASN A 265 18.38 4.34 7.74
C ASN A 265 17.19 4.02 8.61
N LEU A 266 16.08 3.71 7.97
CA LEU A 266 14.84 3.34 8.66
C LEU A 266 14.66 1.84 8.78
N THR A 267 15.71 1.07 8.50
CA THR A 267 15.58 -0.39 8.36
C THR A 267 15.03 -1.01 9.63
N LEU A 268 15.51 -0.58 10.79
CA LEU A 268 15.05 -1.19 12.03
C LEU A 268 13.55 -1.02 12.21
N ILE A 269 13.05 0.17 11.92
CA ILE A 269 11.60 0.39 11.95
C ILE A 269 10.92 -0.50 10.93
N GLU A 270 11.45 -0.52 9.71
CA GLU A 270 10.82 -1.29 8.64
C GLU A 270 10.69 -2.76 9.03
N GLU A 271 11.70 -3.31 9.72
CA GLU A 271 11.68 -4.72 10.10
CA GLU A 271 11.65 -4.73 10.06
C GLU A 271 10.52 -5.06 11.03
N SER A 272 9.99 -4.07 11.75
CA SER A 272 8.88 -4.32 12.67
C SER A 272 7.51 -4.21 12.02
N LEU A 273 7.41 -3.68 10.80
CA LEU A 273 6.10 -3.38 10.22
C LEU A 273 5.39 -4.68 9.83
N THR A 274 4.35 -5.02 10.58
CA THR A 274 3.42 -6.09 10.26
C THR A 274 2.02 -5.62 10.62
N SER A 275 1.02 -6.30 10.10
CA SER A 275 -0.36 -5.96 10.44
C SER A 275 -0.60 -6.03 11.93
N GLU A 276 -0.02 -7.01 12.59
CA GLU A 276 -0.24 -7.21 14.00
C GLU A 276 0.51 -6.16 14.82
N PHE A 277 1.75 -5.86 14.44
CA PHE A 277 2.47 -4.77 15.09
C PHE A 277 1.70 -3.46 14.97
N ILE A 278 1.20 -3.16 13.77
CA ILE A 278 0.48 -1.90 13.58
C ILE A 278 -0.80 -1.85 14.37
N HIS A 279 -1.52 -2.98 14.46
CA HIS A 279 -2.69 -3.01 15.31
C HIS A 279 -2.31 -2.73 16.77
N ASP A 280 -1.22 -3.35 17.24
CA ASP A 280 -0.79 -3.14 18.61
C ASP A 280 -0.40 -1.68 18.86
N ILE A 281 0.38 -1.10 17.94
CA ILE A 281 0.75 0.31 18.04
C ILE A 281 -0.50 1.17 18.18
N ASP A 282 -1.45 0.97 17.26
CA ASP A 282 -2.70 1.74 17.27
C ASP A 282 -3.41 1.64 18.62
N ARG A 283 -3.44 0.45 19.20
CA ARG A 283 -4.08 0.30 20.51
C ARG A 283 -3.30 1.03 21.60
N GLU A 284 -1.98 1.16 21.46
CA GLU A 284 -1.14 1.71 22.52
C GLU A 284 -0.96 3.22 22.44
N LEU A 285 -1.25 3.84 21.30
CA LEU A 285 -1.10 5.28 21.17
C LEU A 285 -2.03 5.99 22.15
N LYS A 286 -1.61 7.17 22.60
CA LYS A 286 -2.41 7.96 23.53
C LYS A 286 -2.63 9.35 22.96
N THR A 287 -3.80 9.92 23.24
CA THR A 287 -4.15 11.25 22.75
C THR A 287 -3.34 12.31 23.46
N VAL A 288 -2.68 13.18 22.69
CA VAL A 288 -1.85 14.26 23.22
C VAL A 288 -2.07 15.49 22.35
N GLN A 289 -1.64 16.63 22.84
CA GLN A 289 -1.51 17.82 22.00
C GLN A 289 -0.06 17.89 21.53
N ALA A 290 0.12 18.30 20.29
CA ALA A 290 1.45 18.29 19.69
C ALA A 290 1.66 19.59 18.93
N VAL A 291 2.91 20.06 18.95
CA VAL A 291 3.39 21.04 17.98
C VAL A 291 3.74 20.22 16.73
N LEU A 292 2.82 20.23 15.77
CA LEU A 292 2.86 19.32 14.61
C LEU A 292 3.28 20.07 13.36
N THR A 293 4.28 19.56 12.65
CA THR A 293 4.49 19.99 11.28
C THR A 293 4.53 18.78 10.34
N VAL A 294 3.88 18.94 9.19
CA VAL A 294 3.76 17.87 8.21
C VAL A 294 4.05 18.46 6.83
N PRO A 295 5.00 17.93 6.09
CA PRO A 295 5.21 18.44 4.73
C PRO A 295 4.02 18.10 3.85
N LYS A 296 3.65 19.02 2.97
CA LYS A 296 2.76 18.68 1.88
C LYS A 296 3.38 17.57 1.03
N LEU A 297 2.53 16.69 0.51
CA LEU A 297 2.97 15.57 -0.32
C LEU A 297 2.12 15.49 -1.57
N LYS A 298 2.78 15.41 -2.72
CA LYS A 298 2.11 15.05 -3.96
C LYS A 298 3.11 14.16 -4.70
N LEU A 299 2.91 12.85 -4.61
CA LEU A 299 3.87 11.87 -5.07
C LEU A 299 3.20 10.91 -6.05
N SER A 300 4.02 10.29 -6.88
CA SER A 300 3.52 9.29 -7.81
C SER A 300 4.65 8.29 -8.06
N TYR A 301 4.26 7.08 -8.42
CA TYR A 301 5.21 6.05 -8.74
C TYR A 301 4.65 5.23 -9.89
N GLU A 302 5.53 4.83 -10.78
CA GLU A 302 5.19 3.90 -11.83
C GLU A 302 6.39 3.01 -12.00
N GLY A 303 6.19 1.71 -11.95
CA GLY A 303 7.33 0.82 -12.01
C GLY A 303 6.89 -0.62 -12.01
N GLU A 304 7.86 -1.48 -12.31
CA GLU A 304 7.71 -2.92 -12.25
C GLU A 304 8.15 -3.41 -10.88
N VAL A 305 7.33 -4.25 -10.24
CA VAL A 305 7.74 -4.88 -9.00
C VAL A 305 8.09 -6.36 -9.24
N THR A 306 8.22 -6.75 -10.51
CA THR A 306 8.58 -8.12 -10.88
C THR A 306 9.76 -8.65 -10.06
N LYS A 307 10.87 -7.93 -10.07
CA LYS A 307 12.06 -8.46 -9.40
C LYS A 307 11.85 -8.54 -7.90
N SER A 308 11.12 -7.59 -7.32
CA SER A 308 10.87 -7.63 -5.88
C SER A 308 10.04 -8.85 -5.51
N LEU A 309 9.04 -9.18 -6.33
CA LEU A 309 8.22 -10.34 -6.02
C LEU A 309 9.02 -11.62 -6.13
N GLN A 310 9.99 -11.66 -7.05
CA GLN A 310 10.85 -12.83 -7.18
C GLN A 310 11.68 -13.07 -5.93
N GLU A 311 11.92 -12.04 -5.12
CA GLU A 311 12.62 -12.19 -3.86
C GLU A 311 11.68 -12.52 -2.71
N MET A 312 10.39 -12.68 -3.00
CA MET A 312 9.37 -12.89 -1.99
C MET A 312 8.75 -14.27 -2.13
N LYS A 313 9.56 -15.23 -2.57
CA LYS A 313 9.13 -16.62 -2.72
C LYS A 313 8.06 -16.77 -3.80
N LEU A 314 8.09 -15.90 -4.81
CA LEU A 314 7.19 -16.02 -5.95
C LEU A 314 7.94 -16.28 -7.26
N GLN A 315 9.23 -16.59 -7.19
CA GLN A 315 10.00 -16.80 -8.40
CA GLN A 315 10.02 -16.81 -8.39
C GLN A 315 9.43 -17.93 -9.25
N SER A 316 8.84 -18.96 -8.62
CA SER A 316 8.38 -20.08 -9.44
C SER A 316 7.20 -19.70 -10.33
N LEU A 317 6.50 -18.59 -10.04
CA LEU A 317 5.46 -18.12 -10.95
C LEU A 317 6.02 -17.73 -12.31
N PHE A 318 7.31 -17.42 -12.37
CA PHE A 318 7.97 -16.97 -13.58
C PHE A 318 8.69 -18.10 -14.31
N ASP A 319 8.71 -19.31 -13.75
CA ASP A 319 9.41 -20.43 -14.34
CA ASP A 319 9.42 -20.43 -14.35
C ASP A 319 8.45 -21.34 -15.10
N SER A 320 7.94 -22.38 -14.44
CA SER A 320 6.98 -23.30 -15.03
C SER A 320 5.79 -23.51 -14.09
N PRO A 321 5.04 -22.45 -13.80
CA PRO A 321 3.82 -22.61 -13.00
C PRO A 321 2.75 -23.34 -13.80
N ASP A 322 1.73 -23.81 -13.10
CA ASP A 322 0.62 -24.50 -13.74
C ASP A 322 -0.61 -23.61 -13.63
N PHE A 323 -0.97 -22.96 -14.73
CA PHE A 323 -2.17 -22.14 -14.83
C PHE A 323 -3.20 -22.78 -15.73
N SER A 324 -3.28 -24.11 -15.67
CA SER A 324 -4.18 -24.82 -16.58
C SER A 324 -5.66 -24.57 -16.26
N LYS A 325 -5.99 -23.94 -15.13
CA LYS A 325 -7.36 -23.52 -14.95
C LYS A 325 -7.69 -22.26 -15.74
N ILE A 326 -6.69 -21.58 -16.29
CA ILE A 326 -6.95 -20.44 -17.17
C ILE A 326 -7.08 -20.89 -18.62
N THR A 327 -6.22 -21.80 -19.06
CA THR A 327 -6.06 -22.14 -20.46
C THR A 327 -5.21 -23.39 -20.55
N GLY A 328 -5.37 -24.12 -21.66
CA GLY A 328 -4.51 -25.27 -21.89
C GLY A 328 -3.09 -24.90 -22.26
N LYS A 329 -2.90 -23.73 -22.83
CA LYS A 329 -1.57 -23.35 -23.28
C LYS A 329 -0.70 -22.98 -22.09
N PRO A 330 0.53 -23.50 -22.00
CA PRO A 330 1.38 -23.16 -20.86
C PRO A 330 1.67 -21.67 -20.86
N ILE A 331 1.38 -21.01 -19.75
CA ILE A 331 1.62 -19.59 -19.58
C ILE A 331 2.31 -19.39 -18.23
N LYS A 332 2.85 -18.21 -18.04
CA LYS A 332 3.57 -17.92 -16.81
C LYS A 332 3.55 -16.42 -16.57
N LEU A 333 3.75 -16.06 -15.31
CA LEU A 333 3.91 -14.65 -14.98
C LEU A 333 5.16 -14.12 -15.65
N THR A 334 5.06 -12.96 -16.31
CA THR A 334 6.20 -12.29 -16.91
CA THR A 334 6.22 -12.32 -16.86
C THR A 334 6.46 -10.91 -16.33
N GLN A 335 5.43 -10.20 -15.88
CA GLN A 335 5.62 -8.84 -15.35
CA GLN A 335 5.60 -8.83 -15.37
C GLN A 335 4.54 -8.55 -14.32
N VAL A 336 4.89 -7.72 -13.34
CA VAL A 336 3.93 -7.18 -12.40
C VAL A 336 4.21 -5.68 -12.33
N GLU A 337 3.27 -4.88 -12.79
CA GLU A 337 3.43 -3.44 -12.84
C GLU A 337 2.63 -2.80 -11.71
N HIS A 338 3.18 -1.74 -11.14
CA HIS A 338 2.49 -0.96 -10.11
C HIS A 338 2.57 0.51 -10.50
N ARG A 339 1.43 1.18 -10.44
CA ARG A 339 1.36 2.63 -10.49
C ARG A 339 0.62 3.10 -9.26
N ALA A 340 1.13 4.15 -8.62
CA ALA A 340 0.52 4.68 -7.41
C ALA A 340 0.63 6.20 -7.43
N GLY A 341 -0.41 6.87 -6.97
CA GLY A 341 -0.38 8.32 -6.79
C GLY A 341 -0.92 8.67 -5.43
N PHE A 342 -0.26 9.62 -4.77
CA PHE A 342 -0.61 9.89 -3.38
C PHE A 342 -0.45 11.38 -3.10
N GLU A 343 -1.43 11.94 -2.41
CA GLU A 343 -1.44 13.38 -2.19
C GLU A 343 -2.11 13.71 -0.87
N TRP A 344 -1.54 14.67 -0.13
CA TRP A 344 -2.21 15.26 1.05
C TRP A 344 -1.82 16.74 1.08
N ASN A 345 -2.75 17.60 1.50
CA ASN A 345 -2.50 19.06 1.63
C ASN A 345 -3.24 19.49 2.89
N GLU A 346 -3.60 20.75 3.05
CA GLU A 346 -4.20 21.25 4.30
C GLU A 346 -5.68 20.85 4.38
N ASP A 347 -6.29 20.37 3.30
CA ASP A 347 -7.73 20.12 3.31
C ASP A 347 -8.15 19.21 4.44
N GLY A 348 -9.25 19.57 5.09
CA GLY A 348 -9.81 18.81 6.19
C GLY A 348 -11.28 19.14 6.33
N ALA A 349 -11.97 18.33 7.14
CA ALA A 349 -13.41 18.48 7.27
C ALA A 349 -13.79 19.62 8.21
N GLY A 350 -12.99 19.87 9.26
CA GLY A 350 -13.35 20.81 10.29
C GLY A 350 -12.14 21.55 10.82
N THR A 351 -12.39 22.47 11.74
CA THR A 351 -11.34 23.36 12.23
C THR A 351 -10.72 22.91 13.55
N THR A 352 -11.50 22.27 14.43
CA THR A 352 -10.94 21.68 15.64
C THR A 352 -11.94 20.73 16.31
N PRO A 359 -5.99 27.92 40.58
CA PRO A 359 -6.55 28.22 39.26
C PRO A 359 -5.54 28.01 38.13
N ALA A 360 -5.20 26.76 37.85
CA ALA A 360 -4.24 26.48 36.81
C ALA A 360 -4.82 25.49 35.81
N HIS A 361 -4.19 25.42 34.64
N HIS A 361 -4.17 25.40 34.66
CA HIS A 361 -4.50 24.43 33.64
CA HIS A 361 -4.50 24.43 33.62
C HIS A 361 -3.17 23.91 33.09
C HIS A 361 -3.20 23.89 33.04
N LEU A 362 -2.97 22.61 33.19
CA LEU A 362 -1.69 21.99 32.89
C LEU A 362 -1.78 21.22 31.60
N THR A 363 -0.73 21.33 30.79
CA THR A 363 -0.64 20.63 29.53
C THR A 363 0.60 19.76 29.53
N PHE A 364 0.74 18.96 28.47
CA PHE A 364 1.81 18.00 28.32
C PHE A 364 2.25 18.08 26.87
N PRO A 365 2.99 19.12 26.52
CA PRO A 365 3.31 19.36 25.12
C PRO A 365 4.36 18.39 24.59
N LEU A 366 4.28 18.15 23.28
CA LEU A 366 5.24 17.33 22.58
C LEU A 366 5.44 17.95 21.20
N ASP A 367 6.65 17.90 20.69
CA ASP A 367 6.90 18.33 19.31
C ASP A 367 6.74 17.12 18.41
N TYR A 368 6.21 17.35 17.22
CA TYR A 368 6.18 16.29 16.20
C TYR A 368 6.41 16.98 14.86
N HIS A 369 7.67 17.12 14.47
CA HIS A 369 8.06 17.82 13.25
C HIS A 369 8.53 16.78 12.24
N LEU A 370 7.77 16.59 11.17
CA LEU A 370 8.18 15.64 10.12
C LEU A 370 9.06 16.38 9.12
N ASN A 371 10.25 16.74 9.60
CA ASN A 371 11.20 17.54 8.83
C ASN A 371 12.50 16.76 8.60
N GLN A 372 12.36 15.45 8.48
CA GLN A 372 13.45 14.52 8.24
C GLN A 372 12.82 13.24 7.73
N PRO A 373 13.62 12.32 7.20
CA PRO A 373 13.01 11.14 6.56
C PRO A 373 12.09 10.38 7.51
N PHE A 374 10.92 9.97 7.02
CA PHE A 374 9.95 9.29 7.86
C PHE A 374 9.21 8.26 7.03
N ILE A 375 8.47 7.40 7.72
CA ILE A 375 7.60 6.41 7.07
C ILE A 375 6.16 6.75 7.45
N PHE A 376 5.25 6.66 6.49
CA PHE A 376 3.86 6.77 6.84
C PHE A 376 3.12 5.56 6.31
N VAL A 377 2.05 5.23 7.01
CA VAL A 377 1.18 4.11 6.68
C VAL A 377 -0.24 4.66 6.67
N LEU A 378 -0.89 4.57 5.51
CA LEU A 378 -2.31 4.90 5.40
C LEU A 378 -3.10 3.62 5.62
N ARG A 379 -3.93 3.62 6.66
CA ARG A 379 -4.59 2.42 7.13
C ARG A 379 -6.09 2.64 7.15
N ASP A 380 -6.85 1.64 6.72
CA ASP A 380 -8.30 1.65 6.92
C ASP A 380 -8.60 1.31 8.37
N THR A 381 -9.37 2.17 9.04
CA THR A 381 -9.64 1.91 10.45
C THR A 381 -10.59 0.71 10.65
N ASP A 382 -11.53 0.52 9.72
CA ASP A 382 -12.53 -0.53 9.88
C ASP A 382 -11.91 -1.92 9.79
N THR A 383 -11.17 -2.18 8.71
CA THR A 383 -10.58 -3.49 8.47
C THR A 383 -9.13 -3.60 8.89
N GLY A 384 -8.45 -2.47 9.12
CA GLY A 384 -7.02 -2.48 9.38
C GLY A 384 -6.17 -2.62 8.13
N ALA A 385 -6.78 -2.62 6.94
CA ALA A 385 -6.03 -2.82 5.72
C ALA A 385 -4.99 -1.73 5.52
N LEU A 386 -3.78 -2.13 5.09
CA LEU A 386 -2.78 -1.21 4.55
C LEU A 386 -3.23 -0.68 3.20
N LEU A 387 -3.47 0.63 3.12
CA LEU A 387 -3.94 1.22 1.86
C LEU A 387 -2.83 1.89 1.08
N PHE A 388 -1.80 2.37 1.75
CA PHE A 388 -0.68 3.05 1.13
C PHE A 388 0.43 3.08 2.16
N ILE A 389 1.65 3.00 1.68
CA ILE A 389 2.80 3.11 2.57
C ILE A 389 3.85 3.94 1.85
N GLY A 390 4.51 4.80 2.57
CA GLY A 390 5.54 5.64 1.99
C GLY A 390 6.76 5.68 2.88
N LYS A 391 7.93 5.56 2.24
CA LYS A 391 9.18 6.00 2.84
C LYS A 391 9.52 7.33 2.20
N ILE A 392 9.44 8.40 2.99
CA ILE A 392 9.57 9.74 2.45
C ILE A 392 10.94 10.25 2.86
N LEU A 393 11.92 10.08 1.96
CA LEU A 393 13.25 10.65 2.14
C LEU A 393 13.30 12.12 1.72
N ASP A 394 12.40 12.53 0.85
CA ASP A 394 12.40 13.86 0.26
C ASP A 394 10.96 14.16 -0.11
N PRO A 395 10.29 15.07 0.59
CA PRO A 395 8.86 15.30 0.31
C PRO A 395 8.62 16.01 -1.01
N ARG A 396 9.65 16.51 -1.68
CA ARG A 396 9.47 17.27 -2.92
C ARG A 396 9.14 16.38 -4.10
N GLY A 397 9.63 15.14 -4.10
CA GLY A 397 9.48 14.25 -5.22
C GLY A 397 10.49 13.12 -5.14
N PRO A 398 10.61 12.33 -6.22
CA PRO A 398 11.41 11.09 -6.31
C PRO A 398 12.67 11.05 -5.45
#